data_6N1N
#
_entry.id   6N1N
#
_cell.length_a   63.510
_cell.length_b   97.546
_cell.length_c   40.328
_cell.angle_alpha   90.00
_cell.angle_beta   90.00
_cell.angle_gamma   90.00
#
_symmetry.space_group_name_H-M   'P 21 21 2'
#
loop_
_entity.id
_entity.type
_entity.pdbx_description
1 polymer Beta-lactamase
2 non-polymer 'SULFATE ION'
3 non-polymer GLYCEROL
4 water water
#
_entity_poly.entity_id   1
_entity_poly.type   'polypeptide(L)'
_entity_poly.pdbx_seq_one_letter_code
;SNA(MSE)VSNSNVNLQKIFDENKITGSVTIYDYKNKIWIYSNEEDSKIRRLPASTF(KCX)IPNSLIFLEEEVVKDENE
A(MSE)EWDGIKRYIENWNKDLNLREAYEYSALWFY(MSE)KGAGKIKSEKYKEYLKEFNYGNQIVSEKKNSFWIDRSLK
ISPEEQIDFLINLYEEKF(MSE)LSEKTYKIVKDI(MSE)INEKTPEYTLRGKTGWGREGAENIIWYVGYIEAKENVYFF
AVRIINASEERNSYLLDFRKQLT(MSE)(MSE)AFRELGIIN
;
_entity_poly.pdbx_strand_id   A
#
# COMPACT_ATOMS: atom_id res chain seq x y z
N SER A 1 26.19 9.25 1.18
CA SER A 1 26.34 7.81 1.37
C SER A 1 25.31 7.12 0.46
N ASN A 2 25.78 6.39 -0.53
CA ASN A 2 24.86 5.78 -1.49
C ASN A 2 24.37 4.41 -0.99
N ALA A 3 23.41 3.84 -1.70
CA ALA A 3 22.88 2.54 -1.33
C ALA A 3 23.72 1.41 -1.93
N VAL A 5 23.03 -2.80 -3.39
CA VAL A 5 22.10 -3.88 -3.70
C VAL A 5 22.60 -5.17 -3.06
N SER A 6 21.76 -5.76 -2.22
CA SER A 6 22.17 -6.94 -1.47
C SER A 6 22.43 -8.12 -2.39
N ASN A 7 23.33 -9.00 -1.97
CA ASN A 7 23.44 -10.33 -2.55
C ASN A 7 22.42 -11.28 -1.94
N VAL A 10 17.90 -15.55 -3.47
CA VAL A 10 17.65 -16.85 -4.07
C VAL A 10 16.65 -17.64 -3.22
N ASN A 11 16.81 -17.55 -1.90
CA ASN A 11 15.81 -18.12 -1.02
C ASN A 11 14.52 -17.34 -1.11
N LEU A 12 14.59 -16.05 -1.45
CA LEU A 12 13.35 -15.29 -1.57
C LEU A 12 12.58 -15.72 -2.81
N GLN A 13 13.26 -15.89 -3.94
CA GLN A 13 12.58 -16.38 -5.14
C GLN A 13 11.95 -17.74 -4.91
N LYS A 14 12.58 -18.58 -4.10
CA LYS A 14 12.02 -19.90 -3.80
C LYS A 14 10.61 -19.83 -3.22
N ILE A 15 10.30 -18.79 -2.44
CA ILE A 15 8.97 -18.71 -1.87
C ILE A 15 7.94 -18.50 -2.96
N PHE A 16 8.30 -17.73 -3.98
CA PHE A 16 7.40 -17.53 -5.11
C PHE A 16 7.24 -18.82 -5.89
N ASP A 17 8.36 -19.49 -6.17
CA ASP A 17 8.34 -20.71 -6.96
C ASP A 17 7.50 -21.80 -6.29
N GLU A 18 7.69 -21.98 -4.98
CA GLU A 18 6.94 -23.00 -4.26
C GLU A 18 5.46 -22.68 -4.18
N ASN A 19 5.04 -21.46 -4.48
CA ASN A 19 3.63 -21.10 -4.47
C ASN A 19 3.09 -20.84 -5.86
N LYS A 20 3.83 -21.23 -6.90
CA LYS A 20 3.39 -21.10 -8.29
C LYS A 20 2.89 -19.68 -8.59
N ILE A 21 3.70 -18.70 -8.19
CA ILE A 21 3.40 -17.30 -8.44
C ILE A 21 4.63 -16.62 -8.99
N THR A 22 4.39 -15.56 -9.75
CA THR A 22 5.46 -14.66 -10.11
C THR A 22 5.22 -13.36 -9.37
N GLY A 23 5.86 -12.31 -9.81
CA GLY A 23 5.97 -11.09 -9.01
C GLY A 23 7.21 -11.16 -8.15
N SER A 24 7.23 -10.35 -7.10
CA SER A 24 8.46 -10.20 -6.37
C SER A 24 8.21 -9.57 -5.01
N VAL A 25 9.26 -9.66 -4.17
CA VAL A 25 9.37 -8.93 -2.93
C VAL A 25 10.58 -8.02 -3.03
N THR A 26 10.37 -6.76 -2.68
CA THR A 26 11.42 -5.74 -2.63
C THR A 26 11.42 -5.15 -1.22
N ILE A 27 12.61 -5.03 -0.61
CA ILE A 27 12.77 -4.49 0.72
C ILE A 27 13.91 -3.49 0.70
N TYR A 28 13.74 -2.40 1.46
CA TYR A 28 14.81 -1.42 1.66
C TYR A 28 15.10 -1.33 3.15
N ASP A 29 16.35 -1.66 3.49
CA ASP A 29 16.93 -1.51 4.82
C ASP A 29 17.36 -0.05 4.97
N TYR A 30 16.68 0.67 5.85
CA TYR A 30 16.83 2.12 5.95
C TYR A 30 18.17 2.53 6.57
N LYS A 31 18.50 1.93 7.71
CA LYS A 31 19.74 2.32 8.40
C LYS A 31 20.97 2.03 7.53
N ASN A 32 20.99 0.87 6.90
CA ASN A 32 22.15 0.45 6.11
C ASN A 32 22.08 0.86 4.65
N LYS A 33 20.94 1.40 4.19
CA LYS A 33 20.72 1.78 2.80
C LYS A 33 20.99 0.60 1.85
N ILE A 34 20.26 -0.49 2.08
CA ILE A 34 20.40 -1.69 1.26
C ILE A 34 19.07 -2.04 0.60
N TRP A 35 19.11 -2.19 -0.72
CA TRP A 35 17.98 -2.72 -1.49
C TRP A 35 18.11 -4.23 -1.61
N ILE A 36 17.03 -4.95 -1.26
CA ILE A 36 16.95 -6.39 -1.37
C ILE A 36 15.86 -6.74 -2.38
N TYR A 37 16.23 -7.48 -3.42
CA TYR A 37 15.30 -7.86 -4.46
C TYR A 37 15.19 -9.37 -4.62
N SER A 38 13.96 -9.89 -4.73
CA SER A 38 13.83 -11.25 -5.27
C SER A 38 13.94 -11.23 -6.79
N ASN A 39 13.56 -10.13 -7.42
CA ASN A 39 13.67 -9.99 -8.86
C ASN A 39 13.74 -8.50 -9.18
N GLU A 40 14.95 -7.99 -9.36
CA GLU A 40 15.11 -6.56 -9.50
C GLU A 40 14.35 -5.98 -10.70
N GLU A 41 14.24 -6.72 -11.81
CA GLU A 41 13.56 -6.12 -12.96
C GLU A 41 12.06 -5.97 -12.71
N ASP A 42 11.44 -6.89 -11.96
CA ASP A 42 10.02 -6.76 -11.65
C ASP A 42 9.74 -5.53 -10.80
N SER A 43 10.72 -5.13 -9.99
N SER A 43 10.71 -5.13 -9.97
CA SER A 43 10.55 -4.00 -9.08
CA SER A 43 10.52 -4.00 -9.07
C SER A 43 10.38 -2.67 -9.80
C SER A 43 10.35 -2.68 -9.81
N LYS A 44 10.69 -2.62 -11.10
CA LYS A 44 10.57 -1.41 -11.90
C LYS A 44 9.25 -1.35 -12.68
N ILE A 45 8.46 -2.40 -12.66
CA ILE A 45 7.26 -2.49 -13.49
C ILE A 45 6.07 -1.89 -12.73
N ARG A 46 5.38 -0.94 -13.40
CA ARG A 46 4.23 -0.28 -12.80
C ARG A 46 2.96 -1.09 -13.01
N ARG A 47 2.12 -1.15 -11.96
CA ARG A 47 0.78 -1.73 -12.04
C ARG A 47 -0.16 -0.89 -11.19
N LEU A 48 -1.48 -1.08 -11.38
CA LEU A 48 -2.44 -0.30 -10.61
C LEU A 48 -2.20 -0.51 -9.12
N PRO A 49 -2.35 0.55 -8.31
CA PRO A 49 -2.13 0.40 -6.85
C PRO A 49 -3.26 -0.26 -6.10
N ALA A 50 -4.47 -0.21 -6.64
CA ALA A 50 -5.66 -0.68 -5.94
C ALA A 50 -5.68 -0.13 -4.52
N SER A 51 -6.07 -0.91 -3.51
CA SER A 51 -6.31 -0.30 -2.22
C SER A 51 -5.02 0.07 -1.48
N THR A 52 -3.82 -0.22 -2.01
CA THR A 52 -2.65 0.39 -1.39
C THR A 52 -2.71 1.91 -1.48
N PHE A 53 -3.53 2.44 -2.39
CA PHE A 53 -3.69 3.87 -2.52
C PHE A 53 -4.36 4.46 -1.26
N ILE A 55 -3.14 4.53 1.52
CA ILE A 55 -2.10 5.23 2.26
C ILE A 55 -2.01 6.70 1.83
N PRO A 56 -1.66 7.01 0.57
CA PRO A 56 -1.68 8.41 0.15
C PRO A 56 -3.06 9.06 0.28
N ASN A 57 -4.14 8.31 0.00
CA ASN A 57 -5.46 8.91 0.05
C ASN A 57 -5.81 9.37 1.47
N SER A 58 -5.35 8.61 2.49
CA SER A 58 -5.59 9.01 3.87
C SER A 58 -4.82 10.29 4.21
N LEU A 59 -3.56 10.40 3.76
CA LEU A 59 -2.84 11.65 3.94
C LEU A 59 -3.59 12.80 3.29
N ILE A 60 -4.10 12.57 2.06
CA ILE A 60 -4.74 13.63 1.32
C ILE A 60 -6.06 14.03 2.00
N PHE A 61 -6.85 13.05 2.44
CA PHE A 61 -8.12 13.35 3.11
C PHE A 61 -7.91 14.26 4.33
N LEU A 62 -6.90 13.97 5.15
CA LEU A 62 -6.66 14.80 6.32
C LEU A 62 -6.12 16.16 5.95
N GLU A 63 -5.13 16.20 5.06
CA GLU A 63 -4.54 17.50 4.72
C GLU A 63 -5.56 18.43 4.07
N GLU A 64 -6.44 17.89 3.24
CA GLU A 64 -7.48 18.63 2.55
C GLU A 64 -8.75 18.81 3.38
N GLU A 65 -8.78 18.32 4.60
CA GLU A 65 -9.88 18.50 5.54
C GLU A 65 -11.16 17.81 5.08
N VAL A 66 -11.04 16.75 4.29
CA VAL A 66 -12.19 15.91 3.97
C VAL A 66 -12.84 15.43 5.26
N VAL A 67 -12.03 14.97 6.21
CA VAL A 67 -12.44 14.71 7.58
C VAL A 67 -11.50 15.49 8.48
N LYS A 68 -11.98 15.81 9.68
N LYS A 68 -11.98 15.80 9.69
CA LYS A 68 -11.20 16.62 10.61
CA LYS A 68 -11.22 16.62 10.63
C LYS A 68 -10.11 15.79 11.26
C LYS A 68 -10.21 15.83 11.42
N ASP A 69 -10.41 14.53 11.55
CA ASP A 69 -9.46 13.61 12.17
C ASP A 69 -9.95 12.21 11.83
N GLU A 70 -9.35 11.21 12.48
CA GLU A 70 -9.62 9.82 12.14
C GLU A 70 -10.81 9.26 12.89
N ASN A 71 -11.46 10.07 13.70
CA ASN A 71 -12.62 9.65 14.46
C ASN A 71 -13.93 10.17 13.87
N GLU A 72 -13.86 11.08 12.90
CA GLU A 72 -15.06 11.69 12.34
C GLU A 72 -15.71 10.74 11.35
N ALA A 73 -16.93 10.31 11.64
CA ALA A 73 -17.58 9.36 10.76
C ALA A 73 -18.09 10.04 9.50
N GLU A 75 -21.09 9.40 6.58
CA GLU A 75 -22.41 8.79 6.61
C GLU A 75 -22.55 7.70 5.53
N TRP A 76 -22.95 6.52 5.97
CA TRP A 76 -23.22 5.39 5.08
C TRP A 76 -24.54 5.62 4.36
N ASP A 77 -24.57 5.30 3.06
CA ASP A 77 -25.79 5.51 2.27
C ASP A 77 -26.86 4.47 2.53
N GLY A 78 -26.67 3.56 3.48
CA GLY A 78 -27.66 2.53 3.76
C GLY A 78 -27.75 1.40 2.76
N ILE A 79 -26.91 1.39 1.71
CA ILE A 79 -26.89 0.30 0.74
C ILE A 79 -26.09 -0.86 1.31
N LYS A 80 -26.70 -2.04 1.35
CA LYS A 80 -25.99 -3.24 1.79
C LYS A 80 -24.95 -3.62 0.74
N ARG A 81 -23.69 -3.75 1.18
CA ARG A 81 -22.59 -4.18 0.32
C ARG A 81 -22.07 -5.49 0.86
N TYR A 82 -21.16 -6.13 0.13
CA TYR A 82 -20.89 -7.54 0.39
C TYR A 82 -19.98 -7.80 1.61
N ILE A 83 -19.36 -6.79 2.20
CA ILE A 83 -18.62 -6.92 3.46
C ILE A 83 -19.45 -6.26 4.55
N GLU A 84 -19.84 -7.03 5.59
CA GLU A 84 -20.75 -6.47 6.59
C GLU A 84 -20.14 -5.29 7.32
N ASN A 85 -18.83 -5.32 7.60
CA ASN A 85 -18.20 -4.21 8.30
C ASN A 85 -18.31 -2.90 7.50
N TRP A 86 -18.62 -2.96 6.21
CA TRP A 86 -18.81 -1.75 5.41
C TRP A 86 -20.17 -1.11 5.61
N ASN A 87 -21.12 -1.85 6.19
CA ASN A 87 -22.53 -1.46 6.15
C ASN A 87 -22.92 -0.68 7.40
N LYS A 88 -22.20 0.42 7.62
CA LYS A 88 -22.39 1.32 8.74
C LYS A 88 -21.60 2.59 8.49
N ASP A 89 -21.91 3.64 9.24
CA ASP A 89 -21.07 4.84 9.20
C ASP A 89 -19.65 4.44 9.57
N LEU A 90 -18.67 5.01 8.88
CA LEU A 90 -17.27 4.69 9.11
C LEU A 90 -16.44 5.95 9.23
N ASN A 91 -15.47 5.92 10.13
CA ASN A 91 -14.44 6.94 10.18
C ASN A 91 -13.19 6.47 9.42
N LEU A 92 -12.22 7.37 9.31
CA LEU A 92 -11.02 7.07 8.50
C LEU A 92 -10.27 5.85 9.03
N ARG A 93 -10.13 5.74 10.36
CA ARG A 93 -9.43 4.58 10.91
C ARG A 93 -10.10 3.28 10.50
N GLU A 94 -11.44 3.23 10.62
CA GLU A 94 -12.19 2.03 10.26
C GLU A 94 -12.16 1.78 8.76
N ALA A 95 -12.36 2.82 7.97
CA ALA A 95 -12.35 2.67 6.51
C ALA A 95 -11.00 2.11 6.03
N TYR A 96 -9.90 2.56 6.63
CA TYR A 96 -8.59 2.00 6.32
C TYR A 96 -8.51 0.53 6.71
N GLU A 97 -8.85 0.23 7.96
CA GLU A 97 -8.73 -1.13 8.46
C GLU A 97 -9.56 -2.11 7.64
N TYR A 98 -10.78 -1.73 7.28
CA TYR A 98 -11.71 -2.57 6.55
C TYR A 98 -11.56 -2.47 5.04
N SER A 99 -10.71 -1.56 4.56
N SER A 99 -10.67 -1.61 4.54
CA SER A 99 -10.55 -1.32 3.14
CA SER A 99 -10.54 -1.33 3.11
C SER A 99 -11.90 -0.99 2.50
C SER A 99 -11.91 -1.01 2.50
N ALA A 100 -12.62 -0.06 3.13
CA ALA A 100 -13.97 0.33 2.70
C ALA A 100 -13.88 1.28 1.51
N LEU A 101 -13.99 0.72 0.30
CA LEU A 101 -13.88 1.52 -0.90
C LEU A 101 -14.88 2.67 -0.91
N TRP A 102 -16.12 2.43 -0.44
CA TRP A 102 -17.14 3.48 -0.55
C TRP A 102 -16.73 4.76 0.17
N PHE A 103 -16.02 4.63 1.30
CA PHE A 103 -15.61 5.79 2.08
C PHE A 103 -14.60 6.62 1.30
N TYR A 104 -13.63 5.96 0.66
CA TYR A 104 -12.64 6.69 -0.13
C TYR A 104 -13.24 7.26 -1.41
N LYS A 106 -16.33 8.25 -1.75
CA LYS A 106 -17.14 9.38 -1.32
C LYS A 106 -16.26 10.58 -0.98
N GLY A 107 -15.17 10.34 -0.25
CA GLY A 107 -14.26 11.42 0.09
C GLY A 107 -13.57 12.02 -1.11
N ALA A 108 -13.26 11.19 -2.11
CA ALA A 108 -12.61 11.71 -3.30
C ALA A 108 -13.51 12.69 -4.04
N GLY A 109 -14.83 12.60 -3.85
CA GLY A 109 -15.73 13.55 -4.49
C GLY A 109 -15.56 14.98 -4.02
N LYS A 110 -15.03 15.17 -2.82
CA LYS A 110 -14.77 16.48 -2.27
C LYS A 110 -13.47 17.08 -2.79
N ILE A 111 -12.68 16.34 -3.57
CA ILE A 111 -11.34 16.77 -3.99
C ILE A 111 -11.33 16.86 -5.52
N LYS A 112 -10.93 18.02 -6.04
CA LYS A 112 -10.82 18.19 -7.49
C LYS A 112 -9.68 17.37 -8.09
N SER A 113 -9.86 16.97 -9.35
CA SER A 113 -8.81 16.21 -10.04
C SER A 113 -7.45 16.93 -10.03
N GLU A 114 -7.45 18.25 -10.28
CA GLU A 114 -6.15 18.94 -10.31
C GLU A 114 -5.48 18.92 -8.93
N LYS A 115 -6.26 18.95 -7.85
CA LYS A 115 -5.68 18.85 -6.51
C LYS A 115 -5.04 17.48 -6.31
N TYR A 116 -5.72 16.41 -6.73
CA TYR A 116 -5.11 15.09 -6.67
C TYR A 116 -3.81 15.04 -7.46
N LYS A 117 -3.81 15.62 -8.67
CA LYS A 117 -2.58 15.63 -9.46
C LYS A 117 -1.44 16.33 -8.74
N GLU A 118 -1.75 17.39 -7.98
CA GLU A 118 -0.74 18.07 -7.19
C GLU A 118 -0.12 17.14 -6.16
N TYR A 119 -0.96 16.37 -5.46
CA TYR A 119 -0.45 15.41 -4.49
C TYR A 119 0.33 14.28 -5.15
N LEU A 120 -0.14 13.78 -6.31
CA LEU A 120 0.59 12.72 -6.99
C LEU A 120 1.97 13.21 -7.41
N LYS A 121 2.09 14.50 -7.74
CA LYS A 121 3.41 15.07 -8.06
C LYS A 121 4.28 15.17 -6.81
N GLU A 122 3.73 15.73 -5.73
CA GLU A 122 4.45 15.83 -4.46
C GLU A 122 4.92 14.47 -3.99
N PHE A 123 4.09 13.45 -4.17
CA PHE A 123 4.35 12.10 -3.70
C PHE A 123 5.19 11.26 -4.68
N ASN A 124 5.51 11.79 -5.87
CA ASN A 124 6.20 11.01 -6.91
C ASN A 124 5.50 9.67 -7.11
N TYR A 125 4.18 9.72 -7.29
CA TYR A 125 3.37 8.53 -7.16
C TYR A 125 3.18 7.92 -8.53
N GLY A 126 4.18 7.14 -8.94
CA GLY A 126 4.05 6.34 -10.15
C GLY A 126 3.93 7.20 -11.39
N ASN A 127 3.06 6.79 -12.32
CA ASN A 127 2.87 7.57 -13.53
C ASN A 127 2.04 8.84 -13.32
N GLN A 128 1.48 9.02 -12.12
CA GLN A 128 0.75 10.23 -11.75
C GLN A 128 -0.45 10.50 -12.64
N ILE A 129 -1.03 9.45 -13.23
CA ILE A 129 -2.20 9.58 -14.11
C ILE A 129 -3.51 9.52 -13.31
N VAL A 130 -4.39 10.48 -13.57
CA VAL A 130 -5.78 10.49 -13.09
C VAL A 130 -6.68 10.47 -14.31
N SER A 131 -7.48 9.41 -14.45
CA SER A 131 -8.46 9.30 -15.53
C SER A 131 -9.62 10.27 -15.31
N GLU A 132 -10.67 10.15 -16.14
CA GLU A 132 -11.87 10.93 -15.91
C GLU A 132 -12.68 10.39 -14.74
N LYS A 133 -12.32 9.21 -14.23
CA LYS A 133 -13.04 8.56 -13.12
C LYS A 133 -12.36 9.06 -11.85
N LYS A 134 -12.67 10.29 -11.47
CA LYS A 134 -11.79 10.95 -10.53
C LYS A 134 -12.03 10.50 -9.10
N ASN A 135 -13.02 9.65 -8.88
CA ASN A 135 -13.26 9.02 -7.59
C ASN A 135 -12.83 7.55 -7.56
N SER A 136 -12.13 7.07 -8.60
CA SER A 136 -11.69 5.67 -8.60
C SER A 136 -10.48 5.42 -9.52
N PHE A 137 -9.68 6.45 -9.77
CA PHE A 137 -8.53 6.30 -10.65
C PHE A 137 -7.47 5.36 -10.11
N TRP A 138 -7.56 4.97 -8.84
CA TRP A 138 -6.59 4.06 -8.27
C TRP A 138 -6.97 2.60 -8.45
N ILE A 139 -8.17 2.33 -8.99
CA ILE A 139 -8.61 0.97 -9.25
C ILE A 139 -8.96 0.71 -10.72
N ASP A 140 -8.85 1.70 -11.60
CA ASP A 140 -9.29 1.55 -12.98
C ASP A 140 -8.16 1.36 -13.99
N ARG A 141 -6.92 1.18 -13.53
N ARG A 141 -6.93 1.16 -13.53
CA ARG A 141 -5.73 0.91 -14.34
CA ARG A 141 -5.77 0.93 -14.39
C ARG A 141 -5.14 2.18 -14.96
C ARG A 141 -5.33 2.17 -15.16
N SER A 142 -5.69 3.36 -14.69
CA SER A 142 -5.08 4.60 -15.18
C SER A 142 -3.81 4.86 -14.39
N LEU A 143 -3.94 5.12 -13.11
CA LEU A 143 -2.80 5.28 -12.21
C LEU A 143 -2.07 3.95 -12.03
N LYS A 144 -0.75 3.98 -12.14
CA LYS A 144 0.05 2.79 -11.95
C LYS A 144 1.34 3.19 -11.23
N ILE A 145 1.90 2.25 -10.46
CA ILE A 145 3.09 2.51 -9.66
C ILE A 145 3.90 1.23 -9.52
N SER A 146 5.24 1.38 -9.46
CA SER A 146 6.08 0.18 -9.31
C SER A 146 6.36 -0.08 -7.84
N PRO A 147 6.85 -1.29 -7.52
CA PRO A 147 7.27 -1.55 -6.12
C PRO A 147 8.37 -0.61 -5.62
N GLU A 148 9.39 -0.35 -6.42
CA GLU A 148 10.39 0.66 -6.07
C GLU A 148 9.76 2.01 -5.74
N GLU A 149 8.80 2.46 -6.53
CA GLU A 149 8.15 3.74 -6.30
C GLU A 149 7.25 3.72 -5.07
N GLN A 150 6.63 2.59 -4.77
CA GLN A 150 5.89 2.47 -3.51
C GLN A 150 6.83 2.72 -2.34
N ILE A 151 8.00 2.07 -2.37
CA ILE A 151 8.96 2.19 -1.28
C ILE A 151 9.48 3.62 -1.19
N ASP A 152 9.79 4.24 -2.32
CA ASP A 152 10.34 5.59 -2.23
C ASP A 152 9.31 6.54 -1.63
N PHE A 153 8.04 6.34 -1.96
CA PHE A 153 6.96 7.13 -1.36
C PHE A 153 6.85 6.87 0.14
N LEU A 154 6.97 5.61 0.55
CA LEU A 154 6.87 5.28 1.96
C LEU A 154 8.05 5.81 2.75
N ILE A 155 9.27 5.83 2.17
CA ILE A 155 10.42 6.43 2.85
C ILE A 155 10.18 7.91 3.09
N ASN A 156 9.72 8.62 2.07
CA ASN A 156 9.41 10.03 2.21
C ASN A 156 8.31 10.26 3.24
N LEU A 157 7.31 9.38 3.32
CA LEU A 157 6.31 9.48 4.37
C LEU A 157 6.95 9.32 5.75
N TYR A 158 7.75 8.27 5.92
CA TYR A 158 8.45 8.03 7.18
C TYR A 158 9.31 9.23 7.59
N GLU A 159 10.07 9.78 6.65
CA GLU A 159 10.92 10.93 6.93
C GLU A 159 10.13 12.22 7.03
N GLU A 160 8.84 12.19 6.72
CA GLU A 160 7.94 13.35 6.72
C GLU A 160 8.46 14.47 5.81
N LYS A 161 8.91 14.08 4.61
CA LYS A 161 9.46 15.02 3.65
C LYS A 161 8.41 15.78 2.84
N PHE A 162 7.19 15.24 2.75
CA PHE A 162 6.14 15.91 2.01
C PHE A 162 5.64 17.11 2.81
N LEU A 164 3.10 18.33 4.42
CA LEU A 164 1.85 18.00 5.08
C LEU A 164 1.99 18.44 6.53
N SER A 165 0.86 18.60 7.21
CA SER A 165 0.91 19.05 8.59
C SER A 165 1.32 17.93 9.55
N GLU A 166 1.80 18.34 10.73
CA GLU A 166 2.22 17.37 11.74
C GLU A 166 1.07 16.44 12.13
N LYS A 167 -0.14 16.97 12.21
CA LYS A 167 -1.30 16.16 12.58
C LYS A 167 -1.62 15.12 11.52
N THR A 168 -1.52 15.50 10.25
CA THR A 168 -1.75 14.53 9.18
C THR A 168 -0.80 13.35 9.28
N TYR A 169 0.49 13.64 9.40
CA TYR A 169 1.46 12.56 9.56
C TYR A 169 1.19 11.73 10.81
N LYS A 170 0.90 12.37 11.93
CA LYS A 170 0.75 11.64 13.18
C LYS A 170 -0.43 10.67 13.12
N ILE A 171 -1.55 11.14 12.58
CA ILE A 171 -2.73 10.29 12.47
C ILE A 171 -2.49 9.13 11.50
N VAL A 172 -1.92 9.40 10.32
CA VAL A 172 -1.77 8.33 9.35
C VAL A 172 -0.76 7.29 9.83
N LYS A 173 0.35 7.73 10.43
CA LYS A 173 1.31 6.74 10.94
C LYS A 173 0.67 5.85 11.99
N ASP A 174 -0.30 6.37 12.75
CA ASP A 174 -0.95 5.55 13.78
C ASP A 174 -1.96 4.59 13.15
N ILE A 175 -2.82 5.09 12.25
CA ILE A 175 -3.83 4.17 11.73
C ILE A 175 -3.20 3.09 10.86
N ILE A 177 -0.76 1.20 11.63
CA ILE A 177 -0.25 0.09 12.43
C ILE A 177 -1.27 -1.03 12.40
N ASN A 178 -0.91 -2.16 11.87
CA ASN A 178 -1.84 -3.25 11.97
C ASN A 178 -1.32 -4.46 12.72
N GLU A 179 -0.07 -4.46 13.17
CA GLU A 179 0.38 -5.48 14.10
C GLU A 179 1.49 -4.86 14.91
N LYS A 180 1.43 -5.03 16.22
CA LYS A 180 2.47 -4.56 17.14
C LYS A 180 2.77 -5.63 18.17
N THR A 181 4.05 -5.92 18.34
CA THR A 181 4.54 -6.81 19.39
C THR A 181 5.73 -6.13 20.03
N PRO A 182 6.25 -6.70 21.12
CA PRO A 182 7.48 -6.12 21.67
C PRO A 182 8.67 -6.16 20.71
N GLU A 183 8.63 -7.01 19.70
CA GLU A 183 9.71 -7.14 18.72
C GLU A 183 9.61 -6.11 17.59
N TYR A 184 8.41 -5.80 17.12
CA TYR A 184 8.29 -5.02 15.91
C TYR A 184 6.95 -4.30 15.88
N THR A 185 6.91 -3.22 15.09
CA THR A 185 5.68 -2.51 14.76
C THR A 185 5.56 -2.55 13.25
N LEU A 186 4.50 -3.19 12.78
CA LEU A 186 4.26 -3.40 11.37
C LEU A 186 3.17 -2.46 10.87
N ARG A 187 3.47 -1.74 9.79
CA ARG A 187 2.50 -0.96 9.05
C ARG A 187 2.43 -1.54 7.64
N GLY A 188 1.31 -2.17 7.28
CA GLY A 188 1.23 -2.77 5.96
C GLY A 188 -0.18 -2.69 5.44
N LYS A 189 -0.35 -2.48 4.14
CA LYS A 189 -1.67 -2.34 3.52
C LYS A 189 -1.71 -3.23 2.29
N THR A 190 -2.79 -3.99 2.17
CA THR A 190 -3.06 -4.81 1.01
C THR A 190 -3.79 -4.05 -0.09
N GLY A 191 -3.59 -4.51 -1.30
CA GLY A 191 -4.44 -4.08 -2.40
C GLY A 191 -4.47 -5.18 -3.43
N TRP A 192 -5.56 -5.27 -4.17
CA TRP A 192 -5.49 -6.17 -5.31
C TRP A 192 -6.44 -5.78 -6.42
N GLY A 193 -6.07 -6.20 -7.62
CA GLY A 193 -6.88 -6.01 -8.79
C GLY A 193 -6.39 -6.90 -9.91
N ARG A 194 -6.86 -6.62 -11.11
CA ARG A 194 -6.53 -7.47 -12.26
C ARG A 194 -6.20 -6.59 -13.46
N GLU A 195 -5.10 -6.93 -14.15
CA GLU A 195 -4.74 -6.32 -15.43
C GLU A 195 -4.66 -7.43 -16.47
N GLY A 196 -5.58 -7.41 -17.43
CA GLY A 196 -5.61 -8.50 -18.41
C GLY A 196 -5.95 -9.81 -17.74
N ALA A 197 -5.07 -10.80 -17.90
CA ALA A 197 -5.27 -12.12 -17.32
C ALA A 197 -4.53 -12.31 -16.02
N GLU A 198 -3.87 -11.26 -15.53
CA GLU A 198 -3.01 -11.35 -14.37
C GLU A 198 -3.66 -10.69 -13.16
N ASN A 199 -3.89 -11.46 -12.11
CA ASN A 199 -4.29 -10.91 -10.82
C ASN A 199 -3.05 -10.34 -10.11
N ILE A 200 -3.23 -9.15 -9.55
CA ILE A 200 -2.16 -8.37 -8.93
C ILE A 200 -2.49 -8.24 -7.44
N ILE A 201 -1.61 -8.76 -6.58
CA ILE A 201 -1.84 -8.75 -5.15
C ILE A 201 -0.66 -8.08 -4.48
N TRP A 202 -0.91 -6.91 -3.88
CA TRP A 202 0.07 -6.13 -3.17
C TRP A 202 -0.01 -6.33 -1.65
N TYR A 203 1.14 -6.18 -1.02
CA TYR A 203 1.24 -5.85 0.41
C TYR A 203 2.45 -4.92 0.54
N VAL A 204 2.19 -3.68 0.97
CA VAL A 204 3.25 -2.67 1.03
C VAL A 204 3.20 -1.99 2.38
N GLY A 205 4.34 -1.42 2.79
CA GLY A 205 4.41 -0.75 4.07
C GLY A 205 5.84 -0.68 4.58
N TYR A 206 5.96 -0.67 5.91
CA TYR A 206 7.27 -0.72 6.53
C TYR A 206 7.13 -1.32 7.91
N ILE A 207 8.21 -1.93 8.37
CA ILE A 207 8.27 -2.59 9.66
C ILE A 207 9.43 -1.99 10.43
N GLU A 208 9.14 -1.58 11.67
CA GLU A 208 10.14 -1.09 12.62
C GLU A 208 10.61 -2.28 13.46
N ALA A 209 11.90 -2.59 13.36
CA ALA A 209 12.46 -3.77 14.01
C ALA A 209 13.97 -3.61 14.07
N LYS A 210 14.58 -4.19 15.09
CA LYS A 210 16.05 -4.33 15.16
C LYS A 210 16.76 -2.99 15.09
N GLU A 211 16.23 -2.00 15.81
CA GLU A 211 16.75 -0.62 15.76
C GLU A 211 16.95 -0.19 14.31
N ASN A 212 15.93 -0.42 13.51
CA ASN A 212 16.01 -0.15 12.08
C ASN A 212 14.59 -0.01 11.57
N VAL A 213 14.49 0.27 10.27
CA VAL A 213 13.22 0.28 9.54
C VAL A 213 13.44 -0.45 8.22
N TYR A 214 12.52 -1.34 7.88
CA TYR A 214 12.55 -2.06 6.61
C TYR A 214 11.29 -1.73 5.84
N PHE A 215 11.46 -1.01 4.72
CA PHE A 215 10.36 -0.72 3.81
C PHE A 215 10.18 -1.88 2.86
N PHE A 216 8.91 -2.19 2.52
CA PHE A 216 8.67 -3.36 1.69
C PHE A 216 7.55 -3.15 0.69
N ALA A 217 7.67 -3.84 -0.43
CA ALA A 217 6.58 -3.89 -1.40
C ALA A 217 6.60 -5.30 -1.98
N VAL A 218 5.60 -6.07 -1.60
CA VAL A 218 5.37 -7.41 -2.12
C VAL A 218 4.29 -7.29 -3.17
N ARG A 219 4.52 -7.88 -4.33
CA ARG A 219 3.50 -7.83 -5.37
C ARG A 219 3.48 -9.17 -6.08
N ILE A 220 2.41 -9.89 -5.83
CA ILE A 220 2.18 -11.22 -6.37
C ILE A 220 1.45 -11.09 -7.69
N ILE A 221 1.92 -11.82 -8.69
CA ILE A 221 1.22 -11.96 -9.96
C ILE A 221 0.71 -13.39 -10.02
N ASN A 222 -0.58 -13.53 -10.26
CA ASN A 222 -1.20 -14.85 -10.24
C ASN A 222 -2.14 -14.93 -11.42
N ALA A 223 -1.94 -15.95 -12.27
CA ALA A 223 -2.84 -16.24 -13.36
C ALA A 223 -3.93 -17.23 -12.98
N SER A 224 -3.79 -17.94 -11.85
CA SER A 224 -4.73 -19.01 -11.50
C SER A 224 -5.92 -18.47 -10.73
N GLU A 225 -7.08 -18.54 -11.37
CA GLU A 225 -8.34 -18.25 -10.70
C GLU A 225 -8.52 -19.08 -9.43
N GLU A 226 -8.28 -20.39 -9.52
CA GLU A 226 -8.55 -21.25 -8.38
C GLU A 226 -7.69 -20.92 -7.17
N ARG A 227 -6.49 -20.36 -7.38
CA ARG A 227 -5.54 -20.11 -6.29
C ARG A 227 -5.61 -18.70 -5.74
N ASN A 228 -6.43 -17.83 -6.30
CA ASN A 228 -6.33 -16.41 -5.94
C ASN A 228 -6.78 -16.16 -4.50
N SER A 229 -7.84 -16.82 -4.06
CA SER A 229 -8.35 -16.54 -2.70
C SER A 229 -7.32 -16.95 -1.66
N TYR A 230 -6.66 -18.09 -1.86
CA TYR A 230 -5.58 -18.47 -0.95
C TYR A 230 -4.50 -17.40 -0.90
N LEU A 231 -4.09 -16.91 -2.08
CA LEU A 231 -3.02 -15.92 -2.10
C LEU A 231 -3.42 -14.62 -1.40
N LEU A 232 -4.69 -14.22 -1.50
CA LEU A 232 -5.16 -13.08 -0.73
C LEU A 232 -5.01 -13.34 0.77
N ASP A 233 -5.24 -14.59 1.21
CA ASP A 233 -5.07 -14.95 2.62
C ASP A 233 -3.60 -15.11 2.99
N PHE A 234 -2.72 -15.31 2.01
CA PHE A 234 -1.32 -15.67 2.23
C PHE A 234 -0.36 -14.48 2.11
N ARG A 235 -0.79 -13.36 1.51
CA ARG A 235 0.17 -12.33 1.15
C ARG A 235 0.91 -11.77 2.37
N LYS A 236 0.24 -11.60 3.50
CA LYS A 236 0.93 -11.06 4.66
C LYS A 236 1.90 -12.10 5.24
N GLN A 237 1.49 -13.38 5.29
CA GLN A 237 2.38 -14.41 5.79
C GLN A 237 3.61 -14.61 4.89
N LEU A 238 3.43 -14.52 3.57
CA LEU A 238 4.59 -14.55 2.67
C LEU A 238 5.58 -13.44 3.02
N THR A 239 5.08 -12.23 3.27
CA THR A 239 5.93 -11.12 3.66
C THR A 239 6.68 -11.44 4.95
N ALA A 242 9.51 -13.82 4.31
CA ALA A 242 10.66 -13.12 3.76
C ALA A 242 11.44 -12.41 4.86
N PHE A 243 10.73 -11.72 5.77
CA PHE A 243 11.42 -11.07 6.89
C PHE A 243 12.22 -12.07 7.72
N ARG A 244 11.62 -13.23 8.05
CA ARG A 244 12.32 -14.23 8.83
C ARG A 244 13.52 -14.78 8.07
N GLU A 245 13.37 -15.00 6.77
CA GLU A 245 14.49 -15.48 5.96
C GLU A 245 15.67 -14.51 6.04
N LEU A 246 15.39 -13.22 6.08
CA LEU A 246 16.40 -12.18 6.10
C LEU A 246 16.88 -11.83 7.50
N GLY A 247 16.36 -12.48 8.54
CA GLY A 247 16.71 -12.16 9.91
C GLY A 247 16.12 -10.89 10.46
N ILE A 248 15.13 -10.31 9.77
CA ILE A 248 14.52 -9.07 10.21
C ILE A 248 13.65 -9.29 11.46
N ILE A 249 12.88 -10.39 11.48
CA ILE A 249 12.18 -10.82 12.69
C ILE A 249 12.48 -12.30 12.93
N ASN A 250 12.16 -12.74 14.14
CA ASN A 250 12.33 -14.16 14.47
C ASN A 250 11.13 -14.97 14.02
#